data_1U5D
#
_entry.id   1U5D
#
_cell.length_a   74.068
_cell.length_b   33.352
_cell.length_c   105.382
_cell.angle_alpha   90.00
_cell.angle_beta   110.31
_cell.angle_gamma   90.00
#
_symmetry.space_group_name_H-M   'P 1 21 1'
#
loop_
_entity.id
_entity.type
_entity.pdbx_description
1 polymer 'Src Kinase-associated Phosphoprotein of 55 kDa'
2 non-polymer 'SULFATE ION'
3 water water
#
_entity_poly.entity_id   1
_entity_poly.type   'polypeptide(L)'
_entity_poly.pdbx_seq_one_letter_code
;GSVIKQGYLEKKSKDHSFFGSEWQKRWCVVSRGLFYYYANEKSKQPKGTFLIKGYSVRMAPHLRRDSKKESCFELTSQDR
RTYEFTATSPAEARDWVDQISFLLKDLS
;
_entity_poly.pdbx_strand_id   A,B,C,D
#
# COMPACT_ATOMS: atom_id res chain seq x y z
N GLY A 1 34.78 18.65 -19.76
CA GLY A 1 35.28 19.64 -18.74
C GLY A 1 35.70 19.02 -17.43
N SER A 2 35.63 19.81 -16.37
CA SER A 2 36.29 19.45 -15.12
C SER A 2 35.39 18.59 -14.21
N VAL A 3 34.09 18.66 -14.41
CA VAL A 3 33.11 17.89 -13.58
C VAL A 3 33.00 16.46 -14.06
N ILE A 4 33.28 15.53 -13.16
CA ILE A 4 33.20 14.12 -13.43
C ILE A 4 31.81 13.62 -13.12
N LYS A 5 31.27 14.07 -12.01
CA LYS A 5 29.91 13.65 -11.62
C LYS A 5 29.34 14.66 -10.65
N GLN A 6 28.03 14.86 -10.74
CA GLN A 6 27.37 15.76 -9.82
C GLN A 6 25.91 15.32 -9.63
N GLY A 7 25.40 15.62 -8.46
CA GLY A 7 23.99 15.39 -8.17
C GLY A 7 23.71 15.41 -6.70
N TYR A 8 22.45 15.21 -6.34
CA TYR A 8 22.09 15.21 -4.92
C TYR A 8 22.45 13.89 -4.25
N LEU A 9 22.98 14.00 -3.04
CA LEU A 9 23.22 12.87 -2.12
C LEU A 9 22.74 13.33 -0.73
N GLU A 10 22.45 12.35 0.14
CA GLU A 10 22.37 12.71 1.56
C GLU A 10 23.76 12.61 2.10
N LYS A 11 24.21 13.64 2.78
CA LYS A 11 25.47 13.64 3.49
C LYS A 11 25.21 13.60 5.02
N LYS A 12 25.94 12.75 5.75
CA LYS A 12 25.85 12.79 7.19
C LYS A 12 26.57 14.07 7.62
N SER A 13 25.83 14.98 8.26
CA SER A 13 26.26 16.35 8.45
C SER A 13 26.09 16.73 9.93
N LYS A 14 27.20 17.11 10.56
CA LYS A 14 27.18 17.70 11.91
C LYS A 14 26.55 19.09 11.84
N ASP A 15 25.62 19.37 12.73
CA ASP A 15 25.05 20.69 12.77
C ASP A 15 25.94 21.65 13.59
N HIS A 16 26.89 21.08 14.32
CA HIS A 16 27.68 21.85 15.30
C HIS A 16 26.78 22.70 16.19
N SER A 17 25.67 22.10 16.59
CA SER A 17 24.60 22.78 17.30
C SER A 17 23.85 21.75 18.14
N PHE A 18 22.55 21.89 18.30
CA PHE A 18 21.83 21.15 19.31
C PHE A 18 21.58 19.70 19.03
N PHE A 19 21.60 19.31 17.76
CA PHE A 19 21.12 17.97 17.42
C PHE A 19 22.18 16.96 16.93
N GLY A 20 23.39 17.44 16.67
CA GLY A 20 24.45 16.58 16.17
C GLY A 20 24.31 16.27 14.70
N SER A 21 24.54 15.02 14.36
CA SER A 21 24.62 14.61 12.95
C SER A 21 23.28 14.11 12.41
N GLU A 22 22.92 14.54 11.23
CA GLU A 22 21.78 13.99 10.54
C GLU A 22 22.13 13.81 9.07
N TRP A 23 21.44 12.91 8.41
CA TRP A 23 21.47 12.85 6.95
C TRP A 23 20.81 14.10 6.39
N GLN A 24 21.49 14.85 5.56
CA GLN A 24 20.92 16.03 4.95
C GLN A 24 21.27 16.11 3.47
N LYS A 25 20.30 16.52 2.67
CA LYS A 25 20.42 16.60 1.24
C LYS A 25 21.46 17.65 0.88
N ARG A 26 22.38 17.28 -0.03
CA ARG A 26 23.44 18.18 -0.51
C ARG A 26 23.60 17.92 -1.99
N TRP A 27 23.78 18.99 -2.76
CA TRP A 27 24.21 18.90 -4.17
C TRP A 27 25.71 18.76 -4.15
N CYS A 28 26.19 17.62 -4.64
CA CYS A 28 27.58 17.27 -4.58
C CYS A 28 28.21 17.24 -5.96
N VAL A 29 29.45 17.68 -6.02
CA VAL A 29 30.19 17.78 -7.26
C VAL A 29 31.56 17.16 -7.07
N VAL A 30 31.95 16.25 -7.96
CA VAL A 30 33.31 15.79 -7.97
C VAL A 30 33.90 16.17 -9.33
N SER A 31 34.94 16.98 -9.26
CA SER A 31 35.79 17.33 -10.39
C SER A 31 37.14 16.65 -10.19
N ARG A 32 37.99 16.75 -11.21
CA ARG A 32 39.35 16.24 -11.06
C ARG A 32 39.99 16.76 -9.81
N GLY A 33 40.40 15.84 -8.94
CA GLY A 33 41.07 16.17 -7.72
C GLY A 33 40.31 16.88 -6.61
N LEU A 34 39.03 17.16 -6.79
CA LEU A 34 38.31 18.07 -5.92
C LEU A 34 36.82 17.69 -5.76
N PHE A 35 36.35 17.72 -4.51
CA PHE A 35 34.97 17.47 -4.20
C PHE A 35 34.40 18.69 -3.54
N TYR A 36 33.21 19.11 -3.94
CA TYR A 36 32.58 20.24 -3.26
C TYR A 36 31.09 20.03 -3.24
N TYR A 37 30.43 20.70 -2.32
CA TYR A 37 29.01 20.40 -2.08
C TYR A 37 28.26 21.62 -1.52
N TYR A 38 26.97 21.62 -1.77
CA TYR A 38 26.09 22.75 -1.47
C TYR A 38 24.85 22.23 -0.82
N ALA A 39 24.15 23.08 -0.06
CA ALA A 39 22.78 22.69 0.35
C ALA A 39 21.86 22.35 -0.81
N ASN A 40 21.88 23.16 -1.87
CA ASN A 40 20.97 23.02 -2.99
C ASN A 40 21.79 23.31 -4.25
N GLU A 41 21.31 22.84 -5.39
CA GLU A 41 22.01 23.05 -6.64
C GLU A 41 22.15 24.55 -6.99
N LYS A 42 21.20 25.36 -6.51
CA LYS A 42 21.24 26.80 -6.71
C LYS A 42 21.76 27.62 -5.53
N SER A 43 22.27 26.97 -4.48
CA SER A 43 22.91 27.69 -3.41
C SER A 43 24.05 28.59 -3.89
N LYS A 44 24.24 29.72 -3.20
CA LYS A 44 25.21 30.73 -3.63
C LYS A 44 26.69 30.38 -3.38
N GLN A 45 26.95 29.61 -2.33
CA GLN A 45 28.26 29.24 -1.88
C GLN A 45 28.23 27.77 -1.47
N PRO A 46 29.37 27.05 -1.57
CA PRO A 46 29.41 25.69 -1.07
C PRO A 46 29.40 25.61 0.44
N LYS A 47 28.93 24.48 0.95
CA LYS A 47 29.12 24.14 2.35
C LYS A 47 30.52 23.66 2.65
N GLY A 48 31.23 23.11 1.65
CA GLY A 48 32.54 22.53 1.90
C GLY A 48 33.22 22.23 0.58
N THR A 49 34.54 22.17 0.61
CA THR A 49 35.35 21.72 -0.55
C THR A 49 36.50 20.95 0.03
N PHE A 50 36.98 19.93 -0.66
CA PHE A 50 38.20 19.25 -0.20
C PHE A 50 38.87 18.58 -1.36
N LEU A 51 40.20 18.52 -1.26
CA LEU A 51 40.99 17.77 -2.21
C LEU A 51 40.85 16.28 -1.87
N ILE A 52 40.63 15.49 -2.89
CA ILE A 52 40.36 14.08 -2.70
C ILE A 52 41.60 13.20 -2.55
N LYS A 53 42.77 13.69 -2.96
CA LYS A 53 43.94 12.83 -2.93
C LYS A 53 44.18 12.42 -1.47
N GLY A 54 44.41 11.14 -1.23
CA GLY A 54 44.57 10.65 0.14
C GLY A 54 43.34 9.93 0.65
N TYR A 55 42.20 10.12 -0.03
CA TYR A 55 40.98 9.41 0.31
C TYR A 55 40.87 8.02 -0.31
N SER A 56 40.08 7.20 0.36
CA SER A 56 39.64 5.93 -0.15
C SER A 56 38.10 5.98 -0.26
N VAL A 57 37.53 5.18 -1.11
CA VAL A 57 36.05 5.17 -1.34
C VAL A 57 35.53 3.74 -1.44
N ARG A 58 34.38 3.46 -0.82
CA ARG A 58 33.79 2.12 -0.86
C ARG A 58 32.36 2.24 -0.46
N MET A 59 31.58 1.24 -0.85
CA MET A 59 30.19 1.12 -0.34
C MET A 59 30.33 0.81 1.18
N ALA A 60 29.36 1.25 1.97
CA ALA A 60 29.47 1.23 3.41
C ALA A 60 28.11 1.05 4.07
N PRO A 61 27.56 -0.14 4.00
CA PRO A 61 26.23 -0.37 4.60
C PRO A 61 26.20 -0.23 6.15
N HIS A 62 27.32 -0.31 6.84
CA HIS A 62 27.36 0.00 8.30
C HIS A 62 26.88 1.44 8.66
N LEU A 63 26.77 2.34 7.70
CA LEU A 63 26.50 3.76 8.02
C LEU A 63 25.09 4.02 8.47
N ARG A 64 24.19 3.11 8.17
CA ARG A 64 22.83 3.26 8.69
C ARG A 64 22.11 1.96 8.83
N ARG A 65 21.02 2.01 9.58
CA ARG A 65 20.32 0.78 9.98
C ARG A 65 19.01 0.59 9.26
N ASP A 66 18.52 1.62 8.58
CA ASP A 66 17.27 1.48 7.82
C ASP A 66 17.52 0.89 6.42
N SER A 67 16.46 0.82 5.60
CA SER A 67 16.56 0.12 4.34
C SER A 67 17.41 0.90 3.34
N LYS A 68 17.78 2.13 3.62
CA LYS A 68 18.62 2.84 2.66
C LYS A 68 20.10 2.46 2.83
N LYS A 69 20.43 1.57 3.75
CA LYS A 69 21.83 1.16 3.95
C LYS A 69 22.53 0.60 2.71
N GLU A 70 21.80 0.03 1.78
CA GLU A 70 22.39 -0.49 0.52
C GLU A 70 22.80 0.58 -0.47
N SER A 71 22.49 1.85 -0.15
CA SER A 71 22.80 2.99 -1.00
C SER A 71 23.87 3.90 -0.38
N CYS A 72 24.48 3.46 0.73
CA CYS A 72 25.45 4.26 1.44
C CYS A 72 26.86 3.99 0.97
N PHE A 73 27.64 5.02 0.92
CA PHE A 73 29.11 4.90 0.63
C PHE A 73 29.88 5.93 1.45
N GLU A 74 31.18 5.73 1.61
CA GLU A 74 32.01 6.62 2.42
C GLU A 74 33.31 6.95 1.69
N LEU A 75 33.85 8.12 1.99
CA LEU A 75 35.14 8.56 1.57
C LEU A 75 35.91 8.64 2.87
N THR A 76 36.97 7.86 3.02
CA THR A 76 37.68 7.86 4.28
C THR A 76 39.14 8.27 4.09
N SER A 77 39.66 8.87 5.15
CA SER A 77 41.07 9.24 5.24
C SER A 77 41.58 8.92 6.67
N GLN A 78 42.87 8.58 6.78
CA GLN A 78 43.45 8.33 8.11
C GLN A 78 43.84 9.64 8.78
N ASP A 79 43.99 10.70 7.98
CA ASP A 79 44.38 12.05 8.43
C ASP A 79 43.31 13.12 8.51
N ARG A 80 42.31 13.05 7.62
CA ARG A 80 41.29 14.10 7.54
C ARG A 80 39.92 13.45 7.78
N ARG A 81 38.88 14.27 7.83
CA ARG A 81 37.61 13.74 8.30
C ARG A 81 37.04 12.82 7.20
N THR A 82 36.18 11.90 7.60
CA THR A 82 35.51 11.03 6.66
C THR A 82 34.25 11.74 6.20
N TYR A 83 33.79 11.35 5.00
CA TYR A 83 32.55 11.88 4.44
C TYR A 83 31.67 10.69 4.16
N GLU A 84 30.42 10.73 4.64
CA GLU A 84 29.51 9.59 4.57
C GLU A 84 28.25 10.05 3.80
N PHE A 85 27.83 9.25 2.86
CA PHE A 85 26.79 9.61 1.87
C PHE A 85 25.78 8.50 1.70
N THR A 86 24.55 8.90 1.41
CA THR A 86 23.55 7.97 0.95
C THR A 86 23.01 8.47 -0.39
N ALA A 87 23.07 7.61 -1.42
CA ALA A 87 22.49 7.93 -2.72
C ALA A 87 21.03 7.47 -2.75
N THR A 88 20.40 7.74 -3.86
CA THR A 88 18.98 7.37 -4.03
C THR A 88 18.77 5.90 -4.20
N SER A 89 19.80 5.20 -4.67
CA SER A 89 19.73 3.78 -4.99
C SER A 89 21.11 3.11 -4.89
N PRO A 90 21.15 1.79 -4.75
CA PRO A 90 22.44 1.08 -4.81
C PRO A 90 23.16 1.33 -6.13
N ALA A 91 22.41 1.33 -7.24
CA ALA A 91 23.07 1.57 -8.53
C ALA A 91 23.75 2.97 -8.57
N GLU A 92 23.07 3.96 -8.00
CA GLU A 92 23.58 5.31 -8.02
C GLU A 92 24.83 5.38 -7.16
N ALA A 93 24.80 4.78 -5.98
CA ALA A 93 25.93 4.76 -5.07
C ALA A 93 27.12 4.09 -5.72
N ARG A 94 26.88 2.94 -6.36
CA ARG A 94 27.96 2.20 -7.05
C ARG A 94 28.63 3.08 -8.10
N ASP A 95 27.86 3.91 -8.79
CA ASP A 95 28.42 4.80 -9.78
C ASP A 95 29.29 5.89 -9.18
N TRP A 96 28.82 6.48 -8.08
CA TRP A 96 29.64 7.41 -7.38
C TRP A 96 30.95 6.76 -6.97
N VAL A 97 30.89 5.57 -6.38
CA VAL A 97 32.10 4.84 -5.92
C VAL A 97 33.03 4.59 -7.13
N ASP A 98 32.47 4.19 -8.24
CA ASP A 98 33.27 3.89 -9.43
C ASP A 98 33.95 5.14 -9.95
N GLN A 99 33.19 6.22 -10.09
CA GLN A 99 33.72 7.44 -10.70
C GLN A 99 34.78 8.07 -9.77
N ILE A 100 34.53 8.09 -8.46
CA ILE A 100 35.53 8.61 -7.52
C ILE A 100 36.78 7.69 -7.52
N SER A 101 36.56 6.39 -7.57
CA SER A 101 37.69 5.42 -7.60
C SER A 101 38.59 5.68 -8.77
N PHE A 102 38.02 5.91 -9.92
CA PHE A 102 38.80 6.15 -11.14
C PHE A 102 39.73 7.34 -10.99
N LEU A 103 39.25 8.36 -10.28
CA LEU A 103 40.08 9.50 -9.96
C LEU A 103 41.15 9.16 -8.92
N LEU A 104 40.80 8.39 -7.91
CA LEU A 104 41.68 8.20 -6.77
C LEU A 104 42.87 7.32 -7.20
N LYS A 105 42.62 6.44 -8.14
CA LYS A 105 43.63 5.50 -8.56
C LYS A 105 44.67 6.21 -9.42
N ASP A 106 44.20 7.12 -10.24
CA ASP A 106 45.11 7.98 -10.98
C ASP A 106 45.95 8.85 -10.08
N LEU A 107 45.35 9.36 -9.01
CA LEU A 107 46.00 10.29 -8.11
C LEU A 107 47.08 9.61 -7.33
N SER A 108 46.83 8.34 -7.02
CA SER A 108 47.75 7.48 -6.29
C SER A 108 48.94 7.17 -7.14
N GLY B 1 -50.19 21.56 -7.80
CA GLY B 1 -49.05 21.01 -7.02
C GLY B 1 -48.23 22.15 -6.45
N SER B 2 -47.24 21.80 -5.65
CA SER B 2 -46.62 22.77 -4.79
C SER B 2 -45.60 23.62 -5.54
N VAL B 3 -45.13 23.17 -6.69
CA VAL B 3 -44.18 24.02 -7.44
C VAL B 3 -44.91 25.17 -8.18
N ILE B 4 -44.50 26.39 -7.87
CA ILE B 4 -45.07 27.58 -8.52
C ILE B 4 -44.27 27.90 -9.78
N LYS B 5 -42.93 27.80 -9.70
CA LYS B 5 -42.08 27.95 -10.87
C LYS B 5 -40.76 27.28 -10.64
N GLN B 6 -40.16 26.74 -11.68
CA GLN B 6 -38.84 26.16 -11.57
C GLN B 6 -38.14 26.28 -12.90
N GLY B 7 -36.83 26.28 -12.84
CA GLY B 7 -36.04 26.48 -14.03
C GLY B 7 -34.64 26.94 -13.73
N TYR B 8 -33.79 26.91 -14.75
CA TYR B 8 -32.43 27.46 -14.58
C TYR B 8 -32.44 29.01 -14.49
N LEU B 9 -31.63 29.46 -13.55
CA LEU B 9 -31.28 30.86 -13.33
C LEU B 9 -29.77 30.87 -13.09
N GLU B 10 -29.14 32.00 -13.30
CA GLU B 10 -27.82 32.23 -12.78
C GLU B 10 -28.00 32.94 -11.46
N LYS B 11 -27.23 32.53 -10.47
CA LYS B 11 -27.23 33.16 -9.17
C LYS B 11 -25.85 33.77 -8.97
N LYS B 12 -25.86 34.98 -8.43
CA LYS B 12 -24.58 35.71 -8.19
C LYS B 12 -23.97 35.15 -6.91
N SER B 13 -22.69 34.75 -6.98
CA SER B 13 -22.00 34.18 -5.83
C SER B 13 -21.64 35.29 -4.82
N LYS B 14 -21.24 34.88 -3.63
CA LYS B 14 -20.77 35.77 -2.57
C LYS B 14 -19.70 36.78 -3.03
N ASP B 15 -19.78 38.00 -2.48
CA ASP B 15 -18.82 39.06 -2.80
C ASP B 15 -17.51 38.71 -2.08
N HIS B 16 -16.41 38.90 -2.80
CA HIS B 16 -15.08 38.72 -2.25
C HIS B 16 -14.18 39.84 -2.80
N SER B 17 -13.05 40.06 -2.16
CA SER B 17 -12.08 40.98 -2.73
C SER B 17 -11.66 40.55 -4.14
N PHE B 18 -11.55 39.24 -4.37
CA PHE B 18 -11.08 38.72 -5.66
C PHE B 18 -11.92 37.54 -6.12
N PHE B 19 -12.35 37.57 -7.39
CA PHE B 19 -13.10 36.48 -8.04
C PHE B 19 -14.46 36.09 -7.38
N GLY B 20 -15.05 37.07 -6.70
CA GLY B 20 -16.40 36.93 -6.19
C GLY B 20 -17.41 37.51 -7.13
N SER B 21 -18.67 37.43 -6.72
CA SER B 21 -19.78 37.96 -7.52
C SER B 21 -19.79 37.36 -8.92
N GLU B 22 -19.55 36.06 -9.01
CA GLU B 22 -19.63 35.38 -10.29
C GLU B 22 -21.03 34.84 -10.47
N TRP B 23 -21.45 34.79 -11.72
CA TRP B 23 -22.76 34.26 -12.08
C TRP B 23 -22.66 32.73 -12.32
N GLN B 24 -23.43 31.95 -11.53
CA GLN B 24 -23.39 30.49 -11.48
C GLN B 24 -24.76 29.89 -11.77
N LYS B 25 -24.83 29.03 -12.78
CA LYS B 25 -26.08 28.41 -13.17
C LYS B 25 -26.56 27.43 -12.10
N ARG B 26 -27.82 27.57 -11.72
CA ARG B 26 -28.48 26.71 -10.70
C ARG B 26 -29.89 26.39 -11.17
N TRP B 27 -30.38 25.18 -10.85
CA TRP B 27 -31.77 24.83 -11.09
C TRP B 27 -32.49 25.26 -9.86
N CYS B 28 -33.39 26.21 -10.04
CA CYS B 28 -34.12 26.84 -8.95
C CYS B 28 -35.60 26.47 -8.93
N VAL B 29 -36.16 26.32 -7.74
CA VAL B 29 -37.55 25.93 -7.55
C VAL B 29 -38.16 26.91 -6.52
N VAL B 30 -39.35 27.44 -6.79
CA VAL B 30 -40.08 28.14 -5.79
C VAL B 30 -41.42 27.47 -5.62
N SER B 31 -41.69 27.12 -4.37
CA SER B 31 -42.96 26.59 -3.93
C SER B 31 -43.52 27.59 -2.94
N ARG B 32 -44.77 27.39 -2.53
CA ARG B 32 -45.35 28.29 -1.55
C ARG B 32 -44.45 28.39 -0.34
N GLY B 33 -44.03 29.60 -0.02
CA GLY B 33 -43.22 29.82 1.13
C GLY B 33 -41.76 29.39 1.16
N LEU B 34 -41.29 28.83 0.05
CA LEU B 34 -40.01 28.14 0.08
C LEU B 34 -39.26 28.21 -1.26
N PHE B 35 -37.99 28.56 -1.23
CA PHE B 35 -37.14 28.63 -2.45
C PHE B 35 -36.00 27.66 -2.23
N TYR B 36 -35.70 26.83 -3.22
CA TYR B 36 -34.56 25.94 -3.12
C TYR B 36 -33.89 25.78 -4.49
N TYR B 37 -32.63 25.37 -4.46
CA TYR B 37 -31.85 25.33 -5.65
C TYR B 37 -30.72 24.29 -5.58
N TYR B 38 -30.36 23.86 -6.76
CA TYR B 38 -29.41 22.77 -7.04
C TYR B 38 -28.40 23.23 -8.07
N ALA B 39 -27.27 22.52 -8.12
CA ALA B 39 -26.33 22.72 -9.22
C ALA B 39 -26.96 22.47 -10.57
N ASN B 40 -27.73 21.40 -10.67
CA ASN B 40 -28.47 21.15 -11.88
C ASN B 40 -29.74 20.35 -11.63
N GLU B 41 -30.54 20.21 -12.66
CA GLU B 41 -31.88 19.70 -12.46
C GLU B 41 -31.89 18.28 -11.87
N LYS B 42 -30.86 17.50 -12.17
CA LYS B 42 -30.75 16.11 -11.73
C LYS B 42 -29.85 15.93 -10.57
N SER B 43 -29.40 17.03 -9.96
CA SER B 43 -28.59 16.91 -8.75
C SER B 43 -29.37 16.18 -7.66
N LYS B 44 -28.63 15.45 -6.82
CA LYS B 44 -29.27 14.63 -5.80
C LYS B 44 -29.74 15.39 -4.59
N GLN B 45 -29.12 16.51 -4.32
CA GLN B 45 -29.28 17.30 -3.12
C GLN B 45 -29.34 18.78 -3.43
N PRO B 46 -30.18 19.56 -2.77
CA PRO B 46 -30.10 21.01 -3.01
C PRO B 46 -28.80 21.57 -2.49
N LYS B 47 -28.30 22.63 -3.13
CA LYS B 47 -27.24 23.46 -2.59
C LYS B 47 -27.71 24.29 -1.44
N GLY B 48 -28.98 24.66 -1.47
CA GLY B 48 -29.56 25.49 -0.44
C GLY B 48 -31.08 25.59 -0.52
N THR B 49 -31.65 25.98 0.60
CA THR B 49 -33.07 26.27 0.73
C THR B 49 -33.21 27.48 1.64
N PHE B 50 -34.28 28.24 1.41
CA PHE B 50 -34.68 29.28 2.33
C PHE B 50 -36.18 29.56 2.28
N LEU B 51 -36.72 29.89 3.45
CA LEU B 51 -38.07 30.38 3.55
C LEU B 51 -38.14 31.80 3.05
N ILE B 52 -39.17 32.09 2.27
CA ILE B 52 -39.28 33.40 1.60
C ILE B 52 -40.00 34.49 2.39
N LYS B 53 -40.56 34.10 3.53
CA LYS B 53 -41.28 35.09 4.35
C LYS B 53 -40.32 36.19 4.76
N GLY B 54 -40.71 37.44 4.61
CA GLY B 54 -39.80 38.52 4.96
C GLY B 54 -39.08 39.12 3.75
N TYR B 55 -39.09 38.38 2.65
CA TYR B 55 -38.44 38.85 1.42
C TYR B 55 -39.32 39.75 0.56
N SER B 56 -38.66 40.57 -0.25
CA SER B 56 -39.28 41.29 -1.33
C SER B 56 -38.56 40.93 -2.62
N VAL B 57 -39.28 41.05 -3.71
CA VAL B 57 -38.74 40.67 -5.01
C VAL B 57 -38.92 41.82 -5.98
N ARG B 58 -37.99 41.95 -6.89
CA ARG B 58 -37.98 43.04 -7.82
C ARG B 58 -37.01 42.85 -8.96
N MET B 59 -37.39 43.35 -10.11
CA MET B 59 -36.47 43.49 -11.21
C MET B 59 -35.33 44.43 -10.79
N ALA B 60 -34.12 44.11 -11.20
CA ALA B 60 -32.92 44.87 -10.79
C ALA B 60 -31.90 44.91 -11.94
N PRO B 61 -32.10 45.82 -12.87
CA PRO B 61 -31.29 45.87 -14.06
C PRO B 61 -29.87 46.45 -13.88
N HIS B 62 -29.45 46.76 -12.65
CA HIS B 62 -28.07 47.16 -12.39
C HIS B 62 -27.27 46.14 -11.59
N LEU B 63 -27.75 44.91 -11.54
CA LEU B 63 -26.99 43.80 -10.96
C LEU B 63 -25.86 43.35 -11.86
N ARG B 64 -25.88 43.76 -13.11
CA ARG B 64 -24.80 43.49 -14.04
C ARG B 64 -24.77 44.56 -15.12
N ARG B 65 -23.74 44.51 -15.96
CA ARG B 65 -23.45 45.61 -16.90
C ARG B 65 -23.70 45.25 -18.35
N ASP B 66 -23.84 43.97 -18.67
CA ASP B 66 -24.00 43.54 -20.07
C ASP B 66 -25.44 43.44 -20.54
N SER B 67 -25.66 42.90 -21.73
CA SER B 67 -27.01 42.86 -22.33
C SER B 67 -27.99 42.05 -21.49
N LYS B 68 -27.47 41.16 -20.64
CA LYS B 68 -28.35 40.31 -19.85
C LYS B 68 -28.92 41.01 -18.62
N LYS B 69 -28.47 42.23 -18.33
CA LYS B 69 -29.04 42.97 -17.20
C LYS B 69 -30.57 43.15 -17.22
N GLU B 70 -31.22 43.13 -18.39
CA GLU B 70 -32.69 43.25 -18.45
C GLU B 70 -33.39 41.96 -17.97
N SER B 71 -32.59 40.95 -17.72
CA SER B 71 -33.09 39.69 -17.20
C SER B 71 -32.79 39.47 -15.72
N CYS B 72 -32.33 40.49 -15.02
CA CYS B 72 -31.91 40.35 -13.62
C CYS B 72 -33.02 40.74 -12.65
N PHE B 73 -33.13 39.97 -11.57
CA PHE B 73 -34.03 40.31 -10.50
C PHE B 73 -33.40 39.89 -9.17
N GLU B 74 -33.97 40.36 -8.07
CA GLU B 74 -33.44 40.02 -6.75
C GLU B 74 -34.52 39.77 -5.73
N LEU B 75 -34.14 39.03 -4.70
CA LEU B 75 -34.91 38.83 -3.49
C LEU B 75 -34.07 39.46 -2.38
N THR B 76 -34.67 40.39 -1.64
CA THR B 76 -33.97 41.02 -0.55
C THR B 76 -34.86 41.03 0.70
N SER B 77 -34.20 41.23 1.81
CA SER B 77 -34.81 41.09 3.13
C SER B 77 -34.18 42.10 4.08
N GLN B 78 -34.98 42.64 4.99
CA GLN B 78 -34.43 43.53 6.05
C GLN B 78 -33.37 42.84 6.97
N ASP B 79 -33.35 41.52 7.05
CA ASP B 79 -32.49 40.82 7.99
C ASP B 79 -31.80 39.55 7.52
N ARG B 80 -32.00 39.20 6.25
CA ARG B 80 -31.45 37.96 5.73
C ARG B 80 -30.74 38.30 4.42
N ARG B 81 -29.90 37.38 3.98
CA ARG B 81 -29.04 37.64 2.82
C ARG B 81 -29.88 37.86 1.53
N THR B 82 -29.31 38.64 0.61
CA THR B 82 -29.90 38.84 -0.70
C THR B 82 -29.62 37.67 -1.60
N TYR B 83 -30.53 37.42 -2.54
CA TYR B 83 -30.28 36.49 -3.67
C TYR B 83 -30.51 37.24 -4.97
N GLU B 84 -29.47 37.22 -5.81
CA GLU B 84 -29.46 37.96 -7.05
C GLU B 84 -29.37 37.00 -8.23
N PHE B 85 -30.27 37.18 -9.19
CA PHE B 85 -30.45 36.25 -10.27
C PHE B 85 -30.44 36.91 -11.63
N THR B 86 -30.00 36.12 -12.62
CA THR B 86 -30.27 36.43 -13.97
C THR B 86 -31.07 35.28 -14.61
N ALA B 87 -32.18 35.62 -15.24
CA ALA B 87 -32.98 34.66 -16.06
C ALA B 87 -32.48 34.57 -17.50
N THR B 88 -33.02 33.66 -18.28
CA THR B 88 -32.65 33.53 -19.70
C THR B 88 -33.13 34.68 -20.55
N SER B 89 -34.13 35.40 -20.09
CA SER B 89 -34.79 36.47 -20.87
C SER B 89 -35.54 37.44 -19.95
N PRO B 90 -35.81 38.67 -20.39
CA PRO B 90 -36.65 39.59 -19.61
C PRO B 90 -38.02 39.05 -19.28
N ALA B 91 -38.63 38.36 -20.24
CA ALA B 91 -39.92 37.72 -20.01
C ALA B 91 -39.89 36.65 -18.93
N GLU B 92 -38.86 35.81 -18.90
CA GLU B 92 -38.71 34.85 -17.82
C GLU B 92 -38.47 35.56 -16.48
N ALA B 93 -37.66 36.61 -16.47
CA ALA B 93 -37.39 37.31 -15.22
C ALA B 93 -38.66 37.90 -14.67
N ARG B 94 -39.40 38.59 -15.53
CA ARG B 94 -40.71 39.16 -15.20
C ARG B 94 -41.63 38.07 -14.63
N ASP B 95 -41.62 36.88 -15.21
CA ASP B 95 -42.49 35.81 -14.69
C ASP B 95 -42.07 35.33 -13.27
N TRP B 96 -40.77 35.13 -13.07
CA TRP B 96 -40.29 34.81 -11.74
C TRP B 96 -40.72 35.87 -10.76
N VAL B 97 -40.59 37.15 -11.14
CA VAL B 97 -40.86 38.20 -10.19
C VAL B 97 -42.34 38.23 -9.90
N ASP B 98 -43.16 38.11 -10.94
CA ASP B 98 -44.62 38.11 -10.80
C ASP B 98 -45.08 36.94 -9.93
N GLN B 99 -44.57 35.75 -10.20
CA GLN B 99 -44.99 34.57 -9.40
C GLN B 99 -44.57 34.72 -7.97
N ILE B 100 -43.33 35.11 -7.73
CA ILE B 100 -42.87 35.23 -6.37
C ILE B 100 -43.63 36.38 -5.64
N SER B 101 -43.88 37.49 -6.33
CA SER B 101 -44.58 38.65 -5.75
C SER B 101 -45.95 38.21 -5.21
N PHE B 102 -46.67 37.40 -5.98
CA PHE B 102 -47.95 36.86 -5.53
C PHE B 102 -47.79 36.03 -4.27
N LEU B 103 -46.72 35.24 -4.16
CA LEU B 103 -46.50 34.46 -2.95
C LEU B 103 -46.13 35.32 -1.74
N LEU B 104 -45.42 36.41 -1.95
CA LEU B 104 -45.03 37.29 -0.86
C LEU B 104 -46.23 38.13 -0.39
N LYS B 105 -47.28 38.22 -1.22
CA LYS B 105 -48.59 38.76 -0.81
C LYS B 105 -48.88 38.76 0.69
N ASP B 106 -48.95 37.56 1.28
CA ASP B 106 -49.37 37.44 2.68
C ASP B 106 -48.28 36.99 3.63
N LEU B 107 -47.06 36.88 3.15
CA LEU B 107 -45.92 36.77 4.05
C LEU B 107 -45.38 38.20 4.29
N GLY C 1 -10.01 -26.54 -2.79
CA GLY C 1 -8.78 -26.41 -3.62
C GLY C 1 -8.40 -27.77 -4.22
N SER C 2 -7.59 -27.75 -5.27
CA SER C 2 -7.23 -28.97 -5.95
C SER C 2 -6.23 -29.78 -5.13
N VAL C 3 -5.56 -29.20 -4.15
CA VAL C 3 -4.58 -29.99 -3.39
C VAL C 3 -5.29 -30.87 -2.34
N ILE C 4 -5.07 -32.16 -2.44
CA ILE C 4 -5.56 -33.13 -1.46
C ILE C 4 -4.63 -33.26 -0.25
N LYS C 5 -3.32 -33.34 -0.52
CA LYS C 5 -2.33 -33.40 0.55
C LYS C 5 -1.01 -32.94 0.00
N GLN C 6 -0.24 -32.27 0.83
CA GLN C 6 1.08 -31.84 0.47
C GLN C 6 1.96 -31.73 1.68
N GLY C 7 3.23 -31.93 1.46
CA GLY C 7 4.20 -31.87 2.53
C GLY C 7 5.50 -32.52 2.17
N TYR C 8 6.48 -32.36 3.05
CA TYR C 8 7.76 -33.03 2.83
C TYR C 8 7.68 -34.52 3.11
N LEU C 9 8.33 -35.25 2.22
CA LEU C 9 8.64 -36.68 2.33
C LEU C 9 10.02 -36.89 1.93
N GLU C 10 10.65 -37.97 2.36
CA GLU C 10 11.84 -38.44 1.71
C GLU C 10 11.49 -39.35 0.56
N LYS C 11 12.11 -39.15 -0.60
CA LYS C 11 11.99 -40.05 -1.73
C LYS C 11 13.30 -40.74 -2.05
N LYS C 12 13.24 -42.02 -2.39
CA LYS C 12 14.41 -42.78 -2.67
C LYS C 12 14.81 -42.45 -4.09
N SER C 13 16.07 -42.12 -4.28
CA SER C 13 16.55 -41.85 -5.64
C SER C 13 16.73 -43.14 -6.42
N LYS C 14 16.88 -42.96 -7.71
CA LYS C 14 17.27 -44.05 -8.59
C LYS C 14 18.68 -44.54 -8.16
N ASP C 15 19.09 -45.68 -8.65
CA ASP C 15 20.45 -46.15 -8.44
C ASP C 15 21.46 -45.25 -9.13
N HIS C 16 20.93 -44.32 -9.95
CA HIS C 16 21.71 -43.41 -10.78
C HIS C 16 22.73 -42.57 -10.00
N SER C 17 23.92 -42.37 -10.66
CA SER C 17 25.08 -41.68 -10.12
C SER C 17 25.64 -42.57 -8.99
N PHE C 18 26.41 -43.60 -9.42
CA PHE C 18 26.72 -44.76 -8.54
C PHE C 18 27.43 -44.56 -7.23
N PHE C 19 26.75 -43.86 -6.36
CA PHE C 19 26.76 -43.96 -4.93
C PHE C 19 25.57 -44.82 -4.51
N GLY C 20 24.81 -45.31 -5.48
CA GLY C 20 23.57 -46.03 -5.16
C GLY C 20 22.47 -45.06 -4.78
N SER C 21 21.32 -45.58 -4.38
CA SER C 21 20.18 -44.73 -4.12
C SER C 21 20.32 -44.14 -2.72
N GLU C 22 19.70 -42.97 -2.53
CA GLU C 22 19.69 -42.27 -1.23
C GLU C 22 18.32 -41.72 -1.02
N TRP C 23 17.97 -41.54 0.24
CA TRP C 23 16.73 -40.87 0.59
C TRP C 23 16.96 -39.35 0.50
N GLN C 24 16.09 -38.67 -0.25
CA GLN C 24 16.22 -37.26 -0.53
C GLN C 24 14.94 -36.54 -0.12
N LYS C 25 15.03 -35.48 0.70
CA LYS C 25 13.85 -34.71 1.06
C LYS C 25 13.26 -34.00 -0.19
N ARG C 26 11.92 -34.11 -0.33
CA ARG C 26 11.16 -33.55 -1.46
C ARG C 26 9.85 -33.01 -0.92
N TRP C 27 9.42 -31.84 -1.42
CA TRP C 27 8.09 -31.34 -1.19
C TRP C 27 7.18 -31.99 -2.21
N CYS C 28 6.20 -32.76 -1.72
CA CYS C 28 5.31 -33.56 -2.54
C CYS C 28 3.92 -33.03 -2.45
N VAL C 29 3.21 -33.14 -3.58
CA VAL C 29 1.84 -32.67 -3.69
C VAL C 29 1.04 -33.76 -4.43
N VAL C 30 -0.12 -34.06 -3.90
CA VAL C 30 -1.11 -34.81 -4.62
C VAL C 30 -2.39 -34.06 -4.75
N SER C 31 -2.78 -33.89 -6.00
CA SER C 31 -4.10 -33.37 -6.37
C SER C 31 -4.91 -34.48 -7.01
N ARG C 32 -6.17 -34.23 -7.32
CA ARG C 32 -6.94 -35.29 -8.01
C ARG C 32 -6.24 -35.74 -9.25
N GLY C 33 -5.96 -37.05 -9.32
CA GLY C 33 -5.33 -37.62 -10.47
C GLY C 33 -3.88 -37.32 -10.78
N LEU C 34 -3.21 -36.54 -9.90
CA LEU C 34 -1.91 -36.01 -10.24
C LEU C 34 -1.00 -35.92 -9.01
N PHE C 35 0.25 -36.34 -9.19
CA PHE C 35 1.28 -36.26 -8.14
C PHE C 35 2.45 -35.49 -8.69
N TYR C 36 3.01 -34.58 -7.89
CA TYR C 36 4.16 -33.87 -8.33
C TYR C 36 5.00 -33.49 -7.15
N TYR C 37 6.27 -33.23 -7.43
CA TYR C 37 7.24 -33.04 -6.35
C TYR C 37 8.38 -32.13 -6.76
N TYR C 38 8.96 -31.55 -5.74
CA TYR C 38 9.98 -30.51 -5.84
C TYR C 38 11.07 -30.81 -4.84
N ALA C 39 12.24 -30.22 -5.03
CA ALA C 39 13.35 -30.24 -4.05
C ALA C 39 12.93 -29.60 -2.75
N ASN C 40 12.31 -28.45 -2.84
CA ASN C 40 11.75 -27.81 -1.69
C ASN C 40 10.52 -27.02 -2.00
N GLU C 41 9.88 -26.60 -0.94
CA GLU C 41 8.55 -26.04 -1.00
C GLU C 41 8.55 -24.80 -1.91
N LYS C 42 9.67 -24.08 -1.91
CA LYS C 42 9.89 -22.89 -2.74
C LYS C 42 10.61 -23.08 -4.09
N SER C 43 10.91 -24.32 -4.50
CA SER C 43 11.58 -24.58 -5.76
C SER C 43 10.71 -24.06 -6.91
N LYS C 44 11.39 -23.65 -7.96
CA LYS C 44 10.77 -22.95 -9.09
C LYS C 44 9.99 -23.89 -10.02
N GLN C 45 10.41 -25.15 -10.11
CA GLN C 45 9.69 -26.12 -10.89
C GLN C 45 9.82 -27.52 -10.34
N PRO C 46 8.84 -28.36 -10.64
CA PRO C 46 8.92 -29.74 -10.13
C PRO C 46 10.14 -30.51 -10.60
N LYS C 47 10.64 -31.37 -9.74
CA LYS C 47 11.53 -32.43 -10.16
C LYS C 47 10.81 -33.47 -10.99
N GLY C 48 9.51 -33.67 -10.76
CA GLY C 48 8.73 -34.56 -11.60
C GLY C 48 7.25 -34.45 -11.36
N THR C 49 6.46 -35.00 -12.28
CA THR C 49 5.02 -34.99 -12.16
C THR C 49 4.53 -36.26 -12.86
N PHE C 50 3.43 -36.79 -12.40
CA PHE C 50 2.85 -37.99 -13.02
C PHE C 50 1.40 -38.14 -12.70
N LEU C 51 0.62 -38.56 -13.72
CA LEU C 51 -0.74 -38.93 -13.51
C LEU C 51 -0.75 -40.24 -12.72
N ILE C 52 -1.61 -40.31 -11.75
CA ILE C 52 -1.64 -41.46 -10.82
C ILE C 52 -2.57 -42.62 -11.32
N LYS C 53 -3.44 -42.38 -12.30
CA LYS C 53 -4.22 -43.49 -12.86
C LYS C 53 -3.26 -44.64 -13.23
N GLY C 54 -3.59 -45.85 -12.76
CA GLY C 54 -2.76 -47.01 -13.04
C GLY C 54 -1.83 -47.41 -11.88
N TYR C 55 -1.65 -46.50 -10.93
CA TYR C 55 -0.85 -46.78 -9.73
C TYR C 55 -1.65 -47.43 -8.62
N SER C 56 -0.93 -48.10 -7.74
CA SER C 56 -1.40 -48.58 -6.45
C SER C 56 -0.52 -47.96 -5.39
N VAL C 57 -1.06 -47.88 -4.20
CA VAL C 57 -0.37 -47.25 -3.11
C VAL C 57 -0.47 -48.14 -1.88
N ARG C 58 0.63 -48.25 -1.14
CA ARG C 58 0.65 -49.15 -0.02
C ARG C 58 1.82 -48.89 0.89
N MET C 59 1.60 -49.24 2.15
CA MET C 59 2.73 -49.20 3.08
C MET C 59 3.79 -50.24 2.66
N ALA C 60 5.05 -49.94 2.93
CA ALA C 60 6.18 -50.72 2.44
C ALA C 60 7.32 -50.79 3.47
N PRO C 61 7.15 -51.60 4.50
CA PRO C 61 8.10 -51.59 5.61
C PRO C 61 9.48 -52.19 5.34
N HIS C 62 9.69 -52.74 4.18
CA HIS C 62 11.01 -53.26 3.80
C HIS C 62 11.73 -52.28 2.88
N LEU C 63 11.20 -51.08 2.71
CA LEU C 63 11.93 -50.02 1.93
C LEU C 63 13.23 -49.52 2.52
N ARG C 64 13.39 -49.65 3.83
CA ARG C 64 14.64 -49.34 4.51
C ARG C 64 14.79 -50.23 5.74
N ARG C 65 15.98 -50.27 6.28
CA ARG C 65 16.31 -51.18 7.41
C ARG C 65 16.32 -50.51 8.79
N ASP C 66 16.29 -49.19 8.84
CA ASP C 66 16.39 -48.48 10.10
C ASP C 66 14.99 -48.25 10.69
N SER C 67 14.94 -47.50 11.79
CA SER C 67 13.73 -47.31 12.56
C SER C 67 12.67 -46.46 11.82
N LYS C 68 13.05 -45.86 10.70
CA LYS C 68 12.09 -45.08 9.91
C LYS C 68 11.24 -45.95 9.01
N LYS C 69 11.54 -47.24 8.92
CA LYS C 69 10.78 -48.14 8.02
C LYS C 69 9.25 -48.21 8.20
N GLU C 70 8.74 -48.01 9.42
CA GLU C 70 7.31 -48.00 9.70
C GLU C 70 6.61 -46.75 9.11
N SER C 71 7.40 -45.82 8.58
CA SER C 71 6.90 -44.60 7.93
C SER C 71 7.04 -44.65 6.40
N CYS C 72 7.37 -45.82 5.84
CA CYS C 72 7.56 -45.93 4.40
C CYS C 72 6.33 -46.39 3.66
N PHE C 73 6.16 -45.88 2.45
CA PHE C 73 5.06 -46.27 1.61
C PHE C 73 5.51 -46.06 0.16
N GLU C 74 4.81 -46.69 -0.78
CA GLU C 74 5.20 -46.53 -2.17
C GLU C 74 4.03 -46.45 -3.08
N LEU C 75 4.30 -45.88 -4.26
CA LEU C 75 3.36 -45.85 -5.38
C LEU C 75 3.98 -46.73 -6.46
N THR C 76 3.27 -47.75 -6.89
CA THR C 76 3.79 -48.70 -7.86
C THR C 76 2.78 -48.86 -8.97
N SER C 77 3.33 -49.11 -10.13
CA SER C 77 2.53 -49.36 -11.31
C SER C 77 3.15 -50.56 -12.08
N GLN C 78 2.31 -51.30 -12.80
CA GLN C 78 2.76 -52.38 -13.67
C GLN C 78 3.49 -51.85 -14.90
N ASP C 79 3.20 -50.60 -15.29
CA ASP C 79 3.64 -50.08 -16.59
C ASP C 79 4.50 -48.84 -16.54
N ARG C 80 4.76 -48.34 -15.34
CA ARG C 80 5.55 -47.10 -15.17
C ARG C 80 6.33 -47.18 -13.85
N ARG C 81 7.33 -46.31 -13.70
CA ARG C 81 8.23 -46.41 -12.57
C ARG C 81 7.54 -46.27 -11.22
N THR C 82 8.20 -46.84 -10.23
CA THR C 82 7.78 -46.75 -8.81
C THR C 82 8.33 -45.51 -8.15
N TYR C 83 7.63 -45.05 -7.12
CA TYR C 83 8.07 -43.97 -6.26
C TYR C 83 8.00 -44.48 -4.80
N GLU C 84 9.13 -44.34 -4.11
CA GLU C 84 9.31 -44.85 -2.77
C GLU C 84 9.52 -43.70 -1.83
N PHE C 85 8.76 -43.68 -0.74
CA PHE C 85 8.74 -42.55 0.19
C PHE C 85 8.91 -42.95 1.68
N THR C 86 9.41 -42.01 2.49
CA THR C 86 9.35 -42.13 3.97
C THR C 86 8.70 -40.84 4.47
N ALA C 87 7.70 -41.00 5.30
CA ALA C 87 7.01 -39.90 5.92
C ALA C 87 7.65 -39.60 7.26
N THR C 88 7.21 -38.52 7.92
CA THR C 88 7.72 -38.17 9.24
C THR C 88 7.29 -39.12 10.36
N SER C 89 6.22 -39.88 10.14
CA SER C 89 5.76 -40.82 11.14
C SER C 89 4.93 -41.85 10.50
N PRO C 90 4.66 -42.92 11.22
CA PRO C 90 3.72 -43.92 10.68
C PRO C 90 2.33 -43.38 10.41
N ALA C 91 1.82 -42.50 11.28
CA ALA C 91 0.51 -41.93 11.05
C ALA C 91 0.47 -41.10 9.79
N GLU C 92 1.54 -40.34 9.55
CA GLU C 92 1.55 -39.51 8.36
C GLU C 92 1.62 -40.37 7.09
N ALA C 93 2.41 -41.44 7.11
CA ALA C 93 2.49 -42.38 6.00
C ALA C 93 1.11 -42.97 5.72
N ARG C 94 0.45 -43.40 6.79
CA ARG C 94 -0.90 -43.94 6.67
C ARG C 94 -1.86 -42.94 6.08
N ASP C 95 -1.71 -41.67 6.42
CA ASP C 95 -2.61 -40.65 5.86
C ASP C 95 -2.35 -40.41 4.38
N TRP C 96 -1.05 -40.40 3.99
CA TRP C 96 -0.71 -40.39 2.55
C TRP C 96 -1.33 -41.54 1.81
N VAL C 97 -1.15 -42.74 2.34
CA VAL C 97 -1.69 -43.95 1.69
C VAL C 97 -3.24 -43.86 1.59
N ASP C 98 -3.89 -43.51 2.69
CA ASP C 98 -5.34 -43.39 2.70
C ASP C 98 -5.88 -42.32 1.74
N GLN C 99 -5.27 -41.14 1.72
CA GLN C 99 -5.72 -40.09 0.83
C GLN C 99 -5.53 -40.49 -0.63
N ILE C 100 -4.38 -41.05 -0.97
CA ILE C 100 -4.13 -41.44 -2.32
C ILE C 100 -5.04 -42.61 -2.73
N SER C 101 -5.26 -43.52 -1.79
CA SER C 101 -6.05 -44.72 -2.05
C SER C 101 -7.45 -44.29 -2.46
N PHE C 102 -7.95 -43.26 -1.79
CA PHE C 102 -9.27 -42.74 -2.15
C PHE C 102 -9.33 -42.19 -3.57
N LEU C 103 -8.27 -41.46 -3.95
CA LEU C 103 -8.18 -40.91 -5.28
C LEU C 103 -8.10 -42.03 -6.28
N LEU C 104 -7.43 -43.13 -5.96
CA LEU C 104 -7.21 -44.14 -6.96
C LEU C 104 -8.50 -44.93 -7.18
N LYS C 105 -9.40 -44.91 -6.21
CA LYS C 105 -10.62 -45.76 -6.23
C LYS C 105 -11.59 -45.61 -7.42
N ASP C 106 -11.57 -44.49 -8.15
CA ASP C 106 -12.04 -44.54 -9.55
C ASP C 106 -10.90 -44.27 -10.56
N LEU C 107 -9.89 -43.54 -10.10
CA LEU C 107 -8.57 -43.45 -10.72
C LEU C 107 -8.27 -42.01 -11.15
N GLY D 1 4.44 -8.35 30.27
CA GLY D 1 3.94 -9.44 29.39
C GLY D 1 4.42 -9.20 27.98
N SER D 2 4.33 -10.23 27.15
CA SER D 2 4.87 -10.21 25.82
C SER D 2 3.93 -9.47 24.86
N VAL D 3 2.68 -9.26 25.21
CA VAL D 3 1.73 -8.62 24.27
C VAL D 3 1.92 -7.10 24.34
N ILE D 4 2.13 -6.48 23.19
CA ILE D 4 2.26 -5.04 23.10
C ILE D 4 0.94 -4.38 22.82
N LYS D 5 0.15 -4.97 21.91
CA LYS D 5 -1.18 -4.49 21.64
C LYS D 5 -2.01 -5.65 21.08
N GLN D 6 -3.28 -5.66 21.44
CA GLN D 6 -4.19 -6.65 20.87
C GLN D 6 -5.60 -6.07 20.74
N GLY D 7 -6.37 -6.57 19.79
CA GLY D 7 -7.73 -6.13 19.63
C GLY D 7 -8.25 -6.51 18.26
N TYR D 8 -9.50 -6.16 18.01
CA TYR D 8 -10.11 -6.42 16.71
C TYR D 8 -9.71 -5.41 15.65
N LEU D 9 -9.35 -5.92 14.49
CA LEU D 9 -9.13 -5.14 13.30
C LEU D 9 -9.91 -5.86 12.19
N GLU D 10 -10.24 -5.15 11.10
CA GLU D 10 -10.54 -5.87 9.87
C GLU D 10 -9.27 -6.03 9.09
N LYS D 11 -8.99 -7.23 8.64
CA LYS D 11 -7.91 -7.53 7.71
C LYS D 11 -8.46 -7.84 6.30
N LYS D 12 -7.84 -7.25 5.28
CA LYS D 12 -8.13 -7.64 3.88
C LYS D 12 -7.59 -9.06 3.60
N SER D 13 -8.49 -9.93 3.15
CA SER D 13 -8.19 -11.34 3.05
C SER D 13 -7.24 -11.54 1.89
N LYS D 14 -6.35 -12.50 2.03
CA LYS D 14 -5.58 -13.04 0.90
C LYS D 14 -6.49 -13.38 -0.32
N ASP D 15 -5.89 -13.64 -1.49
CA ASP D 15 -6.68 -14.15 -2.61
C ASP D 15 -7.35 -15.42 -2.12
N HIS D 16 -8.59 -15.58 -2.54
CA HIS D 16 -9.24 -16.88 -2.57
C HIS D 16 -9.80 -17.00 -3.98
N SER D 17 -10.07 -18.24 -4.37
CA SER D 17 -10.53 -18.50 -5.75
C SER D 17 -11.74 -17.65 -6.21
N PHE D 18 -12.73 -17.42 -5.35
CA PHE D 18 -14.04 -16.90 -5.80
C PHE D 18 -14.26 -15.34 -5.93
N PHE D 19 -14.10 -14.55 -4.84
CA PHE D 19 -14.13 -13.06 -4.96
C PHE D 19 -12.97 -12.41 -4.30
N GLY D 20 -12.52 -11.33 -4.94
CA GLY D 20 -11.36 -10.55 -4.51
C GLY D 20 -11.04 -10.59 -3.02
N SER D 21 -10.63 -9.45 -2.48
CA SER D 21 -10.19 -9.47 -1.10
C SER D 21 -11.21 -8.70 -0.29
N GLU D 22 -11.68 -9.34 0.74
CA GLU D 22 -12.77 -8.77 1.49
C GLU D 22 -12.19 -8.32 2.83
N TRP D 23 -12.83 -7.36 3.47
CA TRP D 23 -12.51 -7.00 4.84
C TRP D 23 -13.15 -8.02 5.80
N GLN D 24 -12.32 -8.66 6.63
CA GLN D 24 -12.80 -9.64 7.59
C GLN D 24 -12.32 -9.30 8.98
N LYS D 25 -13.24 -9.36 9.92
CA LYS D 25 -12.87 -9.13 11.35
C LYS D 25 -11.90 -10.17 11.82
N ARG D 26 -10.84 -9.74 12.50
CA ARG D 26 -9.81 -10.63 13.06
C ARG D 26 -9.43 -10.09 14.41
N TRP D 27 -9.21 -10.95 15.41
CA TRP D 27 -8.56 -10.58 16.66
C TRP D 27 -7.06 -10.67 16.41
N CYS D 28 -6.40 -9.53 16.52
CA CYS D 28 -5.00 -9.43 16.16
C CYS D 28 -4.20 -9.15 17.45
N VAL D 29 -2.99 -9.66 17.42
CA VAL D 29 -2.07 -9.56 18.54
C VAL D 29 -0.69 -9.20 18.01
N VAL D 30 -0.08 -8.17 18.58
CA VAL D 30 1.33 -7.93 18.34
C VAL D 30 2.08 -8.07 19.66
N SER D 31 3.09 -8.94 19.63
CA SER D 31 4.02 -9.11 20.71
C SER D 31 5.39 -8.69 20.19
N ARG D 32 6.39 -8.64 21.05
CA ARG D 32 7.72 -8.27 20.54
C ARG D 32 8.13 -9.20 19.42
N GLY D 33 8.40 -8.63 18.25
CA GLY D 33 8.79 -9.32 17.06
C GLY D 33 7.81 -10.21 16.33
N LEU D 34 6.55 -10.23 16.77
CA LEU D 34 5.65 -11.27 16.27
C LEU D 34 4.22 -10.75 16.18
N PHE D 35 3.58 -10.99 15.04
CA PHE D 35 2.17 -10.61 14.81
C PHE D 35 1.39 -11.86 14.52
N TYR D 36 0.26 -12.03 15.19
CA TYR D 36 -0.61 -13.15 14.91
C TYR D 36 -2.06 -12.78 15.05
N TYR D 37 -2.92 -13.55 14.38
CA TYR D 37 -4.30 -13.15 14.33
C TYR D 37 -5.20 -14.38 14.17
N TYR D 38 -6.41 -14.20 14.59
CA TYR D 38 -7.45 -15.22 14.67
C TYR D 38 -8.76 -14.69 14.07
N ALA D 39 -9.69 -15.60 13.77
CA ALA D 39 -11.01 -15.16 13.38
C ALA D 39 -11.70 -14.37 14.50
N ASN D 40 -11.54 -14.84 15.71
CA ASN D 40 -12.06 -14.18 16.89
C ASN D 40 -11.27 -14.53 18.14
N GLU D 41 -11.55 -13.83 19.22
CA GLU D 41 -10.68 -13.83 20.39
C GLU D 41 -10.59 -15.22 20.99
N LYS D 42 -11.70 -15.98 20.89
CA LYS D 42 -11.82 -17.39 21.32
C LYS D 42 -11.47 -18.52 20.34
N SER D 43 -11.04 -18.19 19.14
CA SER D 43 -10.68 -19.17 18.14
C SER D 43 -9.57 -20.06 18.65
N LYS D 44 -9.62 -21.35 18.30
CA LYS D 44 -8.61 -22.29 18.86
C LYS D 44 -7.21 -22.17 18.27
N GLN D 45 -7.09 -21.65 17.06
CA GLN D 45 -5.84 -21.58 16.31
C GLN D 45 -5.74 -20.25 15.55
N PRO D 46 -4.56 -19.67 15.40
CA PRO D 46 -4.40 -18.47 14.56
C PRO D 46 -4.74 -18.73 13.09
N LYS D 47 -5.31 -17.73 12.42
CA LYS D 47 -5.37 -17.74 10.96
C LYS D 47 -4.01 -17.59 10.32
N GLY D 48 -3.09 -16.90 11.02
CA GLY D 48 -1.73 -16.69 10.56
C GLY D 48 -0.85 -16.05 11.65
N THR D 49 0.46 -16.20 11.45
CA THR D 49 1.49 -15.62 12.30
C THR D 49 2.67 -15.22 11.40
N PHE D 50 3.39 -14.19 11.81
CA PHE D 50 4.56 -13.76 11.08
C PHE D 50 5.50 -12.93 11.95
N LEU D 51 6.77 -13.14 11.73
CA LEU D 51 7.78 -12.31 12.31
C LEU D 51 7.79 -10.98 11.61
N ILE D 52 7.79 -9.90 12.38
CA ILE D 52 7.64 -8.58 11.82
C ILE D 52 8.93 -7.93 11.38
N LYS D 53 10.09 -8.48 11.79
CA LYS D 53 11.35 -7.86 11.37
C LYS D 53 11.39 -7.72 9.85
N GLY D 54 11.80 -6.56 9.38
CA GLY D 54 11.84 -6.34 7.95
C GLY D 54 10.67 -5.58 7.40
N TYR D 55 9.56 -5.54 8.16
CA TYR D 55 8.38 -4.84 7.67
C TYR D 55 8.49 -3.34 7.92
N SER D 56 7.64 -2.64 7.17
CA SER D 56 7.39 -1.22 7.35
C SER D 56 5.92 -1.10 7.66
N VAL D 57 5.56 -0.08 8.41
CA VAL D 57 4.17 0.12 8.81
C VAL D 57 3.82 1.57 8.53
N ARG D 58 2.58 1.85 8.11
CA ARG D 58 2.17 3.22 7.84
C ARG D 58 0.65 3.33 7.87
N MET D 59 0.16 4.51 8.21
CA MET D 59 -1.26 4.84 7.97
C MET D 59 -1.48 4.71 6.47
N ALA D 60 -2.66 4.24 6.09
CA ALA D 60 -2.92 3.89 4.70
C ALA D 60 -4.32 4.25 4.26
N PRO D 61 -4.64 5.53 4.18
CA PRO D 61 -5.99 5.94 3.76
C PRO D 61 -6.37 5.60 2.31
N HIS D 62 -5.39 5.12 1.55
CA HIS D 62 -5.64 4.69 0.18
C HIS D 62 -6.41 3.34 0.14
N LEU D 63 -6.54 2.66 1.28
CA LEU D 63 -7.03 1.28 1.24
C LEU D 63 -8.55 1.21 1.04
N ARG D 64 -9.27 2.30 1.23
CA ARG D 64 -10.74 2.25 1.19
C ARG D 64 -11.27 3.53 0.63
N ARG D 65 -12.49 3.47 0.07
CA ARG D 65 -13.21 4.66 -0.39
C ARG D 65 -14.02 5.39 0.65
N ASP D 66 -14.59 4.64 1.60
CA ASP D 66 -15.61 5.17 2.49
C ASP D 66 -14.99 5.86 3.71
N SER D 67 -15.83 6.29 4.63
CA SER D 67 -15.40 7.10 5.75
C SER D 67 -14.46 6.36 6.73
N LYS D 68 -14.36 5.05 6.59
CA LYS D 68 -13.46 4.25 7.43
C LYS D 68 -11.98 4.35 6.93
N LYS D 69 -11.73 5.03 5.83
CA LYS D 69 -10.33 5.07 5.33
C LYS D 69 -9.33 5.71 6.28
N GLU D 70 -9.78 6.66 7.09
CA GLU D 70 -8.90 7.27 8.08
C GLU D 70 -8.54 6.35 9.23
N SER D 71 -9.13 5.15 9.26
CA SER D 71 -8.80 4.10 10.24
C SER D 71 -7.91 2.97 9.69
N CYS D 72 -7.42 3.11 8.46
CA CYS D 72 -6.69 2.06 7.82
C CYS D 72 -5.18 2.21 8.03
N PHE D 73 -4.50 1.07 8.11
CA PHE D 73 -3.04 1.05 8.10
C PHE D 73 -2.59 -0.22 7.43
N GLU D 74 -1.31 -0.28 7.09
CA GLU D 74 -0.75 -1.44 6.41
C GLU D 74 0.67 -1.76 6.89
N LEU D 75 1.01 -3.02 6.72
CA LEU D 75 2.37 -3.54 6.95
C LEU D 75 2.83 -4.14 5.62
N THR D 76 3.94 -3.62 5.12
CA THR D 76 4.52 -4.13 3.85
C THR D 76 5.98 -4.45 3.97
N SER D 77 6.43 -5.31 3.07
CA SER D 77 7.83 -5.66 3.04
C SER D 77 8.22 -6.17 1.69
N GLN D 78 9.42 -5.83 1.22
CA GLN D 78 9.88 -6.35 -0.09
C GLN D 78 9.84 -7.85 -0.08
N ASP D 79 9.29 -8.48 -1.09
CA ASP D 79 9.32 -9.96 -1.18
C ASP D 79 8.48 -10.75 -0.18
N ARG D 80 7.69 -10.09 0.70
CA ARG D 80 6.84 -10.81 1.62
C ARG D 80 5.40 -10.25 1.49
N ARG D 81 4.46 -11.03 2.00
CA ARG D 81 3.03 -10.69 2.02
C ARG D 81 2.81 -9.31 2.66
N THR D 82 1.89 -8.51 2.11
CA THR D 82 1.39 -7.30 2.73
C THR D 82 0.19 -7.63 3.59
N TYR D 83 -0.06 -6.83 4.64
CA TYR D 83 -1.21 -7.00 5.51
C TYR D 83 -1.88 -5.64 5.61
N GLU D 84 -3.17 -5.59 5.28
CA GLU D 84 -3.93 -4.39 5.16
C GLU D 84 -5.08 -4.43 6.14
N PHE D 85 -5.20 -3.36 6.94
CA PHE D 85 -6.10 -3.35 8.07
C PHE D 85 -6.99 -2.11 8.16
N THR D 86 -8.19 -2.28 8.74
CA THR D 86 -9.06 -1.17 9.18
C THR D 86 -9.24 -1.32 10.69
N ALA D 87 -8.84 -0.29 11.46
CA ALA D 87 -9.02 -0.26 12.89
C ALA D 87 -10.43 0.27 13.18
N THR D 88 -10.80 0.27 14.46
CA THR D 88 -12.13 0.82 14.86
C THR D 88 -12.27 2.32 14.82
N SER D 89 -11.15 3.01 14.79
CA SER D 89 -11.08 4.46 14.76
C SER D 89 -9.72 4.90 14.27
N PRO D 90 -9.61 6.14 13.80
CA PRO D 90 -8.32 6.70 13.42
C PRO D 90 -7.34 6.68 14.60
N ALA D 91 -7.80 6.99 15.80
CA ALA D 91 -6.87 6.94 16.95
C ALA D 91 -6.32 5.55 17.20
N GLU D 92 -7.18 4.55 17.08
CA GLU D 92 -6.72 3.18 17.24
C GLU D 92 -5.76 2.79 16.11
N ALA D 93 -6.01 3.20 14.87
CA ALA D 93 -5.07 2.89 13.79
C ALA D 93 -3.69 3.54 14.10
N ARG D 94 -3.75 4.77 14.59
CA ARG D 94 -2.52 5.50 14.92
C ARG D 94 -1.73 4.79 16.03
N ASP D 95 -2.45 4.22 16.99
CA ASP D 95 -1.76 3.50 18.07
C ASP D 95 -1.18 2.20 17.57
N TRP D 96 -1.89 1.46 16.74
CA TRP D 96 -1.30 0.26 16.16
C TRP D 96 -0.01 0.60 15.38
N VAL D 97 -0.09 1.64 14.52
CA VAL D 97 1.05 2.06 13.72
C VAL D 97 2.23 2.46 14.61
N ASP D 98 1.95 3.29 15.61
CA ASP D 98 3.05 3.86 16.45
C ASP D 98 3.72 2.73 17.29
N GLN D 99 2.91 1.85 17.82
CA GLN D 99 3.43 0.71 18.60
C GLN D 99 4.27 -0.22 17.70
N ILE D 100 3.75 -0.55 16.52
CA ILE D 100 4.46 -1.45 15.63
C ILE D 100 5.71 -0.80 15.13
N SER D 101 5.63 0.52 14.86
CA SER D 101 6.77 1.25 14.36
C SER D 101 7.93 1.19 15.36
N PHE D 102 7.60 1.37 16.64
CA PHE D 102 8.61 1.34 17.72
C PHE D 102 9.31 -0.01 17.72
N LEU D 103 8.54 -1.09 17.57
CA LEU D 103 9.11 -2.44 17.56
C LEU D 103 10.01 -2.65 16.36
N LEU D 104 9.56 -2.20 15.19
CA LEU D 104 10.35 -2.34 13.98
C LEU D 104 11.69 -1.58 14.08
N LYS D 105 11.71 -0.40 14.63
CA LYS D 105 12.96 0.31 14.71
C LYS D 105 13.89 -0.39 15.70
N ASP D 106 13.32 -0.95 16.76
CA ASP D 106 14.14 -1.62 17.78
C ASP D 106 14.76 -2.83 17.14
N LEU D 107 14.01 -3.52 16.30
CA LEU D 107 14.50 -4.68 15.55
C LEU D 107 15.59 -4.36 14.55
N SER D 108 15.65 -3.13 14.06
CA SER D 108 16.74 -2.70 13.18
C SER D 108 18.00 -2.47 14.01
#